data_7LA5
#
_entry.id   7LA5
#
_cell.length_a   103.223
_cell.length_b   118.855
_cell.length_c   101.457
_cell.angle_alpha   90.000
_cell.angle_beta   90.000
_cell.angle_gamma   90.000
#
_symmetry.space_group_name_H-M   'C 2 2 21'
#
loop_
_entity.id
_entity.type
_entity.pdbx_description
1 polymer 'Glutathione hydrolase 1 heavy chain'
2 polymer 'Glutathione hydrolase 1 light chain'
3 non-polymer 2-acetamido-2-deoxy-beta-D-glucopyranose
4 non-polymer '4-(2-HYDROXYETHYL)-1-PIPERAZINE ETHANESULFONIC ACID'
5 non-polymer 'CHLORIDE ION'
6 non-polymer '(2R)-4-borono-2-{[(1H-imidazol-4-yl)methyl]amino}butanoic acid'
7 water water
#
loop_
_entity_poly.entity_id
_entity_poly.type
_entity_poly.pdbx_seq_one_letter_code
_entity_poly.pdbx_strand_id
1 'polypeptide(L)'
;SASKEPDNHVYTRAAVAADAKQCSKIGRDALRDGGSAVDAAIAALLCVGLMNAHSMGIGGGLFLTIYNSTTRKAEVINAR
EVAPRLAFATMFNSSEQSQKGGLSVAVPGEIRGYELAHQRHGRLPWARLFQPSIQLARQGFPVGKGLAAALENKRTVIEQ
QPVLCEVFCRDRKVLREGERLTLPQLADTYETLAIEGAQAFYNGSLTAQIVKDIQAAGGIVTAEDLNNYRAELIEHPLNI
SLGDAVLYMPSAPLSGPVLALILNILKGYNFSRESVESPEQKGLTYHRIVEAFRFAYAKRTLLGDPKFVDVTEVVRNMTS
EFFAAQLRAQISDDTTHPISYYKPEFYTPDDGG
;
A
2 'polypeptide(L)'
;TAHLSVVAEDGSAVSATSTINLYFGSKVRSPVSGILFNNEMDDFSSPSITNEFGVPPSPANFIQPGKQPLSSMCPTIMVG
QDGQVRMVVGAAGGTQITTATALAIIYNLWFGYDVKRAVEEPRLHNQLLPNVTTVERNIDQAVTAALETRHHHTQIASTF
IAVVQAIVRTAGGWAAASDSRKGGEPAGY
;
B
#
loop_
_chem_comp.id
_chem_comp.type
_chem_comp.name
_chem_comp.formula
CL non-polymer 'CHLORIDE ION' 'Cl -1'
EPE non-polymer '4-(2-HYDROXYETHYL)-1-PIPERAZINE ETHANESULFONIC ACID' 'C8 H18 N2 O4 S'
NAG D-saccharide, beta linking 2-acetamido-2-deoxy-beta-D-glucopyranose 'C8 H15 N O6'
XSM non-polymer '(2R)-4-borono-2-{[(1H-imidazol-4-yl)methyl]amino}butanoic acid' 'C8 H14 B N3 O4'
#
# COMPACT_ATOMS: atom_id res chain seq x y z
N GLU A 5 -2.92 14.87 -20.61
CA GLU A 5 -1.73 15.28 -21.30
C GLU A 5 -1.50 16.78 -21.27
N PRO A 6 -2.56 17.59 -21.11
CA PRO A 6 -2.41 19.03 -21.08
C PRO A 6 -1.99 19.55 -19.72
N ASP A 7 -0.96 18.97 -19.16
CA ASP A 7 -0.54 19.29 -17.85
C ASP A 7 0.83 18.70 -17.68
N ASN A 8 1.73 19.47 -17.12
CA ASN A 8 3.05 18.97 -16.73
C ASN A 8 3.08 18.38 -15.30
N HIS A 9 1.97 18.53 -14.60
CA HIS A 9 1.78 17.96 -13.28
C HIS A 9 2.64 18.66 -12.21
N VAL A 10 3.04 19.91 -12.46
CA VAL A 10 3.67 20.75 -11.40
C VAL A 10 2.66 21.82 -11.02
N TYR A 11 2.21 21.77 -9.76
CA TYR A 11 1.09 22.57 -9.31
C TYR A 11 1.54 23.63 -8.31
N THR A 12 0.96 24.82 -8.37
CA THR A 12 1.51 25.90 -7.57
C THR A 12 0.77 25.91 -6.24
N ARG A 13 -0.38 25.26 -6.19
CA ARG A 13 -1.13 25.30 -4.96
C ARG A 13 -1.40 23.94 -4.36
N ALA A 14 -1.88 22.99 -5.16
CA ALA A 14 -2.30 21.70 -4.66
C ALA A 14 -2.18 20.58 -5.68
N ALA A 15 -2.01 19.35 -5.17
CA ALA A 15 -1.82 18.18 -6.04
C ALA A 15 -2.43 16.91 -5.48
N VAL A 16 -2.88 16.04 -6.37
CA VAL A 16 -3.37 14.72 -5.98
C VAL A 16 -2.77 13.73 -6.94
N ALA A 17 -1.93 12.81 -6.42
CA ALA A 17 -1.38 11.76 -7.25
C ALA A 17 -2.07 10.44 -6.96
N ALA A 18 -2.93 9.99 -7.89
CA ALA A 18 -3.66 8.71 -7.68
C ALA A 18 -3.54 7.79 -8.90
N ASP A 19 -3.89 6.51 -8.76
CA ASP A 19 -3.64 5.52 -9.83
C ASP A 19 -4.75 5.36 -10.83
N ALA A 20 -5.55 6.40 -10.95
CA ALA A 20 -6.62 6.53 -11.95
C ALA A 20 -6.83 8.02 -12.07
N LYS A 21 -6.77 8.52 -13.29
CA LYS A 21 -6.83 9.94 -13.57
C LYS A 21 -8.11 10.53 -12.99
N GLN A 22 -9.22 9.83 -13.18
CA GLN A 22 -10.50 10.34 -12.69
C GLN A 22 -10.55 10.55 -11.17
N CYS A 23 -9.87 9.68 -10.41
CA CYS A 23 -9.83 9.82 -8.96
C CYS A 23 -8.88 10.94 -8.50
N SER A 24 -7.80 11.16 -9.24
CA SER A 24 -7.01 12.35 -8.98
C SER A 24 -7.88 13.60 -9.10
N LYS A 25 -8.81 13.61 -10.06
CA LYS A 25 -9.65 14.81 -10.34
C LYS A 25 -10.70 14.96 -9.27
N ILE A 26 -11.28 13.83 -8.87
CA ILE A 26 -12.24 13.87 -7.80
C ILE A 26 -11.61 14.48 -6.54
N GLY A 27 -10.38 14.09 -6.21
CA GLY A 27 -9.72 14.66 -5.06
C GLY A 27 -9.31 16.10 -5.25
N ARG A 28 -8.98 16.45 -6.48
CA ARG A 28 -8.58 17.81 -6.82
C ARG A 28 -9.79 18.71 -6.62
N ASP A 29 -10.94 18.25 -7.09
CA ASP A 29 -12.18 19.00 -6.95
C ASP A 29 -12.58 19.18 -5.49
N ALA A 30 -12.32 18.17 -4.65
CA ALA A 30 -12.64 18.26 -3.23
C ALA A 30 -11.86 19.40 -2.57
N LEU A 31 -10.58 19.51 -2.92
CA LEU A 31 -9.72 20.60 -2.46
C LEU A 31 -10.22 21.97 -2.93
N ARG A 32 -10.71 22.03 -4.17
CA ARG A 32 -11.19 23.30 -4.74
C ARG A 32 -12.50 23.72 -4.08
N ASP A 33 -13.28 22.75 -3.62
CA ASP A 33 -14.50 23.04 -2.89
C ASP A 33 -14.21 23.40 -1.45
N GLY A 34 -12.94 23.59 -1.09
CA GLY A 34 -12.57 23.95 0.28
C GLY A 34 -12.20 22.81 1.24
N GLY A 35 -12.24 21.56 0.76
CA GLY A 35 -11.91 20.39 1.59
C GLY A 35 -10.45 20.30 1.98
N SER A 36 -10.15 19.62 3.09
CA SER A 36 -8.76 19.42 3.54
C SER A 36 -8.09 18.30 2.75
N ALA A 37 -6.78 18.15 2.97
CA ALA A 37 -6.02 17.01 2.44
C ALA A 37 -6.76 15.69 2.60
N VAL A 38 -7.20 15.43 3.85
CA VAL A 38 -8.00 14.26 4.25
C VAL A 38 -9.32 14.12 3.50
N ASP A 39 -10.07 15.22 3.36
CA ASP A 39 -11.29 15.22 2.56
C ASP A 39 -11.01 14.75 1.14
N ALA A 40 -9.95 15.32 0.54
CA ALA A 40 -9.56 14.93 -0.81
C ALA A 40 -9.11 13.49 -0.82
N ALA A 41 -8.29 13.14 0.17
CA ALA A 41 -7.84 11.77 0.29
C ALA A 41 -9.01 10.80 0.30
N ILE A 42 -10.02 11.05 1.16
CA ILE A 42 -11.11 10.07 1.30
C ILE A 42 -11.87 9.97 0.01
N ALA A 43 -12.18 11.14 -0.59
CA ALA A 43 -12.94 11.16 -1.82
C ALA A 43 -12.20 10.41 -2.93
N ALA A 44 -10.92 10.68 -3.10
CA ALA A 44 -10.16 9.95 -4.09
C ALA A 44 -10.16 8.43 -3.81
N LEU A 45 -10.07 8.05 -2.54
CA LEU A 45 -10.04 6.64 -2.17
C LEU A 45 -11.30 5.87 -2.57
N LEU A 46 -12.44 6.56 -2.43
CA LEU A 46 -13.70 5.94 -2.71
C LEU A 46 -13.81 5.64 -4.18
N CYS A 47 -13.37 6.61 -4.99
CA CYS A 47 -13.19 6.46 -6.43
C CYS A 47 -12.16 5.38 -6.76
N VAL A 48 -11.03 5.40 -6.08
CA VAL A 48 -10.08 4.29 -6.31
C VAL A 48 -10.67 2.89 -6.08
N GLY A 49 -11.59 2.75 -5.12
CA GLY A 49 -12.25 1.48 -4.85
C GLY A 49 -13.15 1.02 -5.99
N LEU A 50 -13.50 1.94 -6.89
CA LEU A 50 -14.32 1.61 -8.04
C LEU A 50 -13.44 1.36 -9.27
N MET A 51 -12.64 2.36 -9.59
CA MET A 51 -11.84 2.30 -10.81
C MET A 51 -10.80 1.19 -10.74
N ASN A 52 -10.24 0.98 -9.56
CA ASN A 52 -9.37 -0.19 -9.34
C ASN A 52 -9.94 -1.08 -8.26
N ALA A 53 -11.06 -1.72 -8.62
CA ALA A 53 -11.81 -2.54 -7.68
C ALA A 53 -10.98 -3.75 -7.20
N HIS A 54 -9.99 -4.16 -8.00
CA HIS A 54 -9.15 -5.31 -7.66
C HIS A 54 -8.15 -4.97 -6.57
N SER A 55 -7.80 -3.68 -6.47
CA SER A 55 -6.74 -3.21 -5.60
C SER A 55 -7.13 -2.92 -4.19
N MET A 56 -8.29 -2.29 -3.99
CA MET A 56 -8.66 -1.74 -2.68
C MET A 56 -10.13 -1.41 -2.66
N GLY A 57 -10.65 -1.11 -1.48
CA GLY A 57 -11.99 -0.57 -1.32
C GLY A 57 -12.53 -0.87 0.08
N ILE A 58 -13.82 -0.67 0.27
CA ILE A 58 -14.42 -0.74 1.61
C ILE A 58 -14.50 -2.15 2.18
N GLY A 59 -14.05 -3.11 1.38
CA GLY A 59 -13.92 -4.51 1.79
C GLY A 59 -12.56 -4.83 2.38
N GLY A 60 -11.72 -3.81 2.50
CA GLY A 60 -10.33 -3.97 2.88
C GLY A 60 -10.01 -2.99 3.99
N GLY A 61 -8.77 -2.54 4.08
CA GLY A 61 -8.37 -1.72 5.23
C GLY A 61 -7.24 -0.83 4.81
N LEU A 62 -6.85 0.10 5.68
CA LEU A 62 -5.83 1.02 5.26
C LEU A 62 -5.14 1.76 6.36
N PHE A 63 -4.03 2.38 5.98
CA PHE A 63 -3.31 3.31 6.83
C PHE A 63 -3.19 4.67 6.17
N LEU A 64 -3.09 5.70 7.02
CA LEU A 64 -2.98 7.05 6.56
C LEU A 64 -1.92 7.75 7.38
N THR A 65 -0.92 8.24 6.67
CA THR A 65 0.05 9.14 7.25
C THR A 65 -0.34 10.57 6.90
N ILE A 66 -0.64 11.32 7.96
CA ILE A 66 -1.20 12.65 7.85
C ILE A 66 -0.24 13.67 8.47
N TYR A 67 0.10 14.71 7.71
CA TYR A 67 0.84 15.86 8.21
C TYR A 67 -0.05 17.12 8.24
N ASN A 68 -0.06 17.77 9.38
CA ASN A 68 -0.88 18.94 9.61
C ASN A 68 0.02 20.13 9.65
N SER A 69 -0.09 21.01 8.66
CA SER A 69 0.80 22.18 8.61
C SER A 69 0.47 23.24 9.66
N THR A 70 -0.77 23.25 10.17
CA THR A 70 -1.18 24.14 11.27
C THR A 70 -0.44 23.80 12.57
N THR A 71 -0.48 22.53 12.97
CA THR A 71 0.17 22.07 14.18
C THR A 71 1.62 21.65 13.94
N ARG A 72 2.01 21.55 12.68
CA ARG A 72 3.31 21.03 12.31
C ARG A 72 3.57 19.64 12.90
N LYS A 73 2.51 18.90 13.18
CA LYS A 73 2.66 17.53 13.63
C LYS A 73 2.14 16.51 12.59
N ALA A 74 2.71 15.32 12.67
CA ALA A 74 2.29 14.19 11.86
C ALA A 74 1.55 13.20 12.75
N GLU A 75 0.69 12.40 12.13
CA GLU A 75 0.01 11.36 12.81
C GLU A 75 -0.28 10.22 11.83
N VAL A 76 -0.54 9.04 12.37
CA VAL A 76 -0.93 7.89 11.55
C VAL A 76 -2.29 7.42 12.02
N ILE A 77 -3.10 7.00 11.05
CA ILE A 77 -4.35 6.38 11.34
C ILE A 77 -4.29 4.96 10.87
N ASN A 78 -4.40 4.08 11.87
CA ASN A 78 -4.32 2.66 11.65
C ASN A 78 -5.72 2.18 11.48
N ALA A 79 -5.98 1.54 10.35
CA ALA A 79 -7.29 1.01 10.05
C ALA A 79 -7.19 -0.23 9.16
N ARG A 80 -6.15 -1.03 9.43
CA ARG A 80 -5.96 -2.33 8.82
C ARG A 80 -6.91 -3.34 9.45
N GLU A 81 -7.36 -4.28 8.62
CA GLU A 81 -8.15 -5.40 9.04
C GLU A 81 -7.62 -6.17 10.23
N VAL A 82 -8.55 -6.70 11.02
CA VAL A 82 -8.20 -7.60 12.11
C VAL A 82 -8.79 -8.98 11.89
N ALA A 83 -8.20 -9.98 12.55
CA ALA A 83 -8.75 -11.34 12.60
C ALA A 83 -10.01 -11.31 13.38
N PRO A 84 -11.01 -12.02 12.88
CA PRO A 84 -12.25 -12.24 13.59
C PRO A 84 -11.97 -12.85 14.99
N ARG A 85 -12.87 -12.56 15.94
CA ARG A 85 -12.80 -13.13 17.29
C ARG A 85 -12.60 -14.65 17.27
N LEU A 86 -13.26 -15.33 16.33
CA LEU A 86 -13.20 -16.78 16.17
C LEU A 86 -11.93 -17.30 15.50
N ALA A 87 -11.09 -16.42 14.96
CA ALA A 87 -9.88 -16.91 14.28
C ALA A 87 -8.85 -17.54 15.24
N PHE A 88 -8.04 -18.46 14.71
CA PHE A 88 -7.02 -19.16 15.52
C PHE A 88 -5.77 -19.44 14.68
N ALA A 89 -4.68 -19.73 15.40
CA ALA A 89 -3.36 -19.89 14.77
C ALA A 89 -3.26 -20.96 13.66
N THR A 90 -4.00 -22.05 13.79
CA THR A 90 -3.89 -23.20 12.86
C THR A 90 -5.01 -23.27 11.87
N MET A 91 -5.67 -22.14 11.62
CA MET A 91 -6.88 -22.19 10.84
C MET A 91 -6.68 -22.54 9.36
N PHE A 92 -5.46 -22.30 8.86
CA PHE A 92 -5.11 -22.66 7.48
C PHE A 92 -4.00 -23.72 7.42
N ASN A 93 -4.03 -24.54 6.37
CA ASN A 93 -2.99 -25.58 6.14
C ASN A 93 -2.33 -25.52 4.78
N SER A 94 -2.77 -24.57 3.96
CA SER A 94 -2.12 -24.25 2.68
C SER A 94 -2.27 -22.75 2.45
N SER A 95 -1.62 -22.25 1.39
CA SER A 95 -1.69 -20.83 1.06
C SER A 95 -3.00 -20.57 0.38
N GLU A 96 -3.42 -21.56 -0.42
CA GLU A 96 -4.68 -21.53 -1.13
C GLU A 96 -5.81 -21.29 -0.16
N GLN A 97 -5.76 -21.95 1.00
CA GLN A 97 -6.79 -21.82 2.00
C GLN A 97 -6.91 -20.39 2.52
N SER A 98 -5.79 -19.71 2.74
CA SER A 98 -5.85 -18.34 3.24
C SER A 98 -5.98 -17.32 2.12
N GLN A 99 -6.29 -17.79 0.93
CA GLN A 99 -6.35 -16.89 -0.22
C GLN A 99 -7.68 -16.74 -0.93
N LYS A 100 -8.56 -17.72 -0.82
CA LYS A 100 -9.87 -17.60 -1.42
C LYS A 100 -10.94 -17.97 -0.38
N GLY A 101 -12.19 -17.65 -0.66
CA GLY A 101 -13.31 -18.03 0.20
C GLY A 101 -13.44 -17.20 1.45
N GLY A 102 -14.53 -17.44 2.17
CA GLY A 102 -14.92 -16.65 3.32
C GLY A 102 -13.91 -16.64 4.42
N LEU A 103 -13.24 -17.77 4.58
CA LEU A 103 -12.30 -17.94 5.67
C LEU A 103 -11.09 -17.01 5.60
N SER A 104 -10.76 -16.54 4.40
CA SER A 104 -9.60 -15.69 4.17
C SER A 104 -9.86 -14.20 4.44
N VAL A 105 -11.14 -13.84 4.68
CA VAL A 105 -11.56 -12.48 4.97
C VAL A 105 -11.25 -12.04 6.39
N ALA A 106 -10.50 -10.95 6.48
CA ALA A 106 -10.39 -10.21 7.74
C ALA A 106 -11.50 -9.17 7.85
N VAL A 107 -11.66 -8.64 9.07
CA VAL A 107 -12.69 -7.64 9.36
C VAL A 107 -12.27 -6.31 8.72
N PRO A 108 -13.03 -5.86 7.68
CA PRO A 108 -12.70 -4.61 6.97
C PRO A 108 -12.64 -3.42 7.91
N GLY A 109 -11.72 -2.49 7.65
CA GLY A 109 -11.56 -1.33 8.52
C GLY A 109 -11.56 0.00 7.78
N GLU A 110 -11.67 -0.06 6.46
CA GLU A 110 -11.67 1.12 5.58
C GLU A 110 -12.53 2.28 6.08
N ILE A 111 -13.81 2.01 6.24
CA ILE A 111 -14.81 3.02 6.53
C ILE A 111 -14.58 3.66 7.91
N ARG A 112 -14.11 2.88 8.87
CA ARG A 112 -13.82 3.47 10.19
C ARG A 112 -12.56 4.33 10.13
N GLY A 113 -11.64 3.91 9.28
CA GLY A 113 -10.48 4.73 8.94
C GLY A 113 -10.92 6.06 8.39
N TYR A 114 -11.73 6.04 7.35
CA TYR A 114 -12.23 7.29 6.75
C TYR A 114 -12.93 8.16 7.78
N GLU A 115 -13.82 7.54 8.57
CA GLU A 115 -14.56 8.25 9.60
C GLU A 115 -13.63 8.98 10.56
N LEU A 116 -12.61 8.27 11.06
CA LEU A 116 -11.81 8.79 12.13
C LEU A 116 -10.96 9.92 11.60
N ALA A 117 -10.38 9.69 10.41
CA ALA A 117 -9.64 10.74 9.70
C ALA A 117 -10.53 11.95 9.46
N HIS A 118 -11.78 11.70 9.06
CA HIS A 118 -12.70 12.80 8.77
C HIS A 118 -13.14 13.60 10.01
N GLN A 119 -13.42 12.90 11.12
CA GLN A 119 -13.74 13.58 12.37
C GLN A 119 -12.62 14.50 12.81
N ARG A 120 -11.39 14.10 12.55
CA ARG A 120 -10.27 14.83 13.05
C ARG A 120 -9.83 15.91 12.07
N HIS A 121 -10.07 15.68 10.78
CA HIS A 121 -9.49 16.56 9.76
C HIS A 121 -10.45 17.03 8.67
N GLY A 122 -11.65 16.45 8.62
CA GLY A 122 -12.62 16.79 7.60
C GLY A 122 -13.08 18.23 7.68
N ARG A 123 -13.35 18.83 6.52
CA ARG A 123 -13.97 20.15 6.42
C ARG A 123 -15.18 20.14 5.47
N LEU A 124 -15.25 19.17 4.56
CA LEU A 124 -16.46 18.95 3.73
C LEU A 124 -17.45 18.01 4.40
N PRO A 125 -18.75 18.12 4.09
CA PRO A 125 -19.64 17.17 4.72
C PRO A 125 -19.31 15.77 4.26
N TRP A 126 -19.58 14.80 5.13
CA TRP A 126 -19.32 13.39 4.91
C TRP A 126 -19.94 12.97 3.59
N ALA A 127 -21.19 13.36 3.38
CA ALA A 127 -21.87 12.93 2.19
C ALA A 127 -21.18 13.49 0.95
N ARG A 128 -20.51 14.63 1.10
CA ARG A 128 -19.95 15.26 -0.09
C ARG A 128 -18.83 14.39 -0.65
N LEU A 129 -18.13 13.67 0.22
CA LEU A 129 -17.02 12.81 -0.18
C LEU A 129 -17.44 11.60 -1.03
N PHE A 130 -18.69 11.19 -0.91
CA PHE A 130 -19.17 9.98 -1.58
C PHE A 130 -19.79 10.28 -2.90
N GLN A 131 -20.14 11.55 -3.06
CA GLN A 131 -21.03 11.98 -4.14
C GLN A 131 -20.50 11.63 -5.55
N PRO A 132 -19.26 12.04 -5.84
CA PRO A 132 -18.63 11.77 -7.13
C PRO A 132 -18.59 10.30 -7.47
N SER A 133 -18.34 9.45 -6.46
CA SER A 133 -18.14 8.02 -6.68
C SER A 133 -19.43 7.28 -6.94
N ILE A 134 -20.46 7.63 -6.18
CA ILE A 134 -21.80 7.10 -6.40
C ILE A 134 -22.19 7.43 -7.84
N GLN A 135 -21.97 8.68 -8.21
CA GLN A 135 -22.19 9.14 -9.57
C GLN A 135 -21.43 8.23 -10.50
N LEU A 136 -20.15 8.05 -10.20
CA LEU A 136 -19.28 7.25 -11.08
C LEU A 136 -19.72 5.78 -11.19
N ALA A 137 -20.14 5.19 -10.05
CA ALA A 137 -20.47 3.80 -10.00
C ALA A 137 -21.70 3.47 -10.81
N ARG A 138 -22.73 4.33 -10.71
CA ARG A 138 -23.94 4.18 -11.54
C ARG A 138 -23.71 4.49 -13.04
N GLN A 139 -23.06 5.63 -13.28
CA GLN A 139 -22.74 6.06 -14.63
C GLN A 139 -21.99 5.00 -15.46
N GLY A 140 -21.06 4.32 -14.80
CA GLY A 140 -20.14 3.45 -15.51
C GLY A 140 -18.96 4.25 -16.03
N PHE A 141 -17.82 3.58 -16.16
CA PHE A 141 -16.62 4.22 -16.67
C PHE A 141 -15.92 3.17 -17.52
N PRO A 142 -15.03 3.59 -18.45
CA PRO A 142 -14.23 2.59 -19.17
C PRO A 142 -13.21 1.91 -18.25
N VAL A 143 -12.99 0.62 -18.46
CA VAL A 143 -11.91 -0.08 -17.74
C VAL A 143 -10.55 0.51 -18.17
N GLY A 144 -9.84 1.10 -17.21
CA GLY A 144 -8.46 1.53 -17.41
C GLY A 144 -7.45 0.39 -17.48
N LYS A 145 -6.21 0.73 -17.81
CA LYS A 145 -5.18 -0.26 -18.08
C LYS A 145 -4.94 -1.20 -16.92
N GLY A 146 -4.67 -0.63 -15.75
CA GLY A 146 -4.41 -1.40 -14.55
C GLY A 146 -5.39 -2.53 -14.34
N LEU A 147 -6.68 -2.19 -14.30
CA LEU A 147 -7.77 -3.15 -14.00
C LEU A 147 -8.01 -4.20 -15.10
N ALA A 148 -7.79 -3.81 -16.35
CA ALA A 148 -7.86 -4.73 -17.51
C ALA A 148 -6.81 -5.82 -17.39
N ALA A 149 -5.64 -5.47 -16.87
CA ALA A 149 -4.58 -6.48 -16.70
C ALA A 149 -4.94 -7.41 -15.56
N ALA A 150 -5.37 -6.85 -14.42
CA ALA A 150 -5.91 -7.64 -13.33
C ALA A 150 -6.97 -8.63 -13.81
N LEU A 151 -7.94 -8.14 -14.54
CA LEU A 151 -8.97 -9.00 -15.12
C LEU A 151 -8.39 -10.10 -15.99
N GLU A 152 -7.42 -9.76 -16.84
CA GLU A 152 -6.75 -10.73 -17.69
C GLU A 152 -6.07 -11.77 -16.82
N ASN A 153 -5.26 -11.27 -15.88
CA ASN A 153 -4.51 -12.10 -14.94
C ASN A 153 -5.41 -13.14 -14.27
N LYS A 154 -6.64 -12.73 -13.96
CA LYS A 154 -7.55 -13.55 -13.15
C LYS A 154 -8.77 -14.03 -13.94
N ARG A 155 -8.67 -14.05 -15.27
CA ARG A 155 -9.83 -14.35 -16.10
C ARG A 155 -10.46 -15.71 -15.77
N THR A 156 -9.63 -16.68 -15.41
CA THR A 156 -10.12 -18.02 -15.07
C THR A 156 -11.00 -18.01 -13.83
N VAL A 157 -10.52 -17.43 -12.74
CA VAL A 157 -11.31 -17.40 -11.52
C VAL A 157 -12.53 -16.48 -11.65
N ILE A 158 -12.40 -15.37 -12.39
CA ILE A 158 -13.54 -14.44 -12.57
C ILE A 158 -14.65 -15.06 -13.44
N GLU A 159 -14.28 -15.56 -14.61
CA GLU A 159 -15.26 -16.05 -15.58
C GLU A 159 -16.04 -17.25 -15.07
N GLN A 160 -15.38 -18.13 -14.32
CA GLN A 160 -16.06 -19.28 -13.72
C GLN A 160 -16.85 -18.93 -12.43
N GLN A 161 -16.75 -17.68 -12.00
CA GLN A 161 -17.46 -17.19 -10.83
C GLN A 161 -18.59 -16.22 -11.23
N PRO A 162 -19.86 -16.70 -11.19
CA PRO A 162 -21.05 -15.92 -11.55
C PRO A 162 -21.21 -14.59 -10.83
N VAL A 163 -20.99 -14.58 -9.52
CA VAL A 163 -21.15 -13.33 -8.74
C VAL A 163 -20.08 -12.28 -9.11
N LEU A 164 -18.90 -12.72 -9.51
CA LEU A 164 -17.89 -11.79 -10.03
C LEU A 164 -18.11 -11.44 -11.50
N CYS A 165 -18.65 -12.38 -12.27
CA CYS A 165 -18.85 -12.18 -13.70
CA CYS A 165 -18.85 -12.18 -13.70
C CYS A 165 -19.97 -11.16 -13.94
N GLU A 166 -20.89 -11.06 -12.97
CA GLU A 166 -22.00 -10.11 -12.99
C GLU A 166 -21.57 -8.67 -13.23
N VAL A 167 -20.52 -8.23 -12.54
CA VAL A 167 -20.01 -6.88 -12.79
C VAL A 167 -18.79 -6.87 -13.71
N PHE A 168 -17.98 -7.93 -13.69
CA PHE A 168 -16.66 -7.89 -14.35
C PHE A 168 -16.56 -8.53 -15.73
N CYS A 169 -17.66 -9.13 -16.20
CA CYS A 169 -17.68 -9.70 -17.55
CA CYS A 169 -17.68 -9.71 -17.55
C CYS A 169 -18.68 -9.01 -18.46
N ARG A 170 -18.42 -9.08 -19.76
CA ARG A 170 -19.44 -8.81 -20.75
C ARG A 170 -19.56 -10.08 -21.56
N ASP A 171 -20.78 -10.61 -21.63
CA ASP A 171 -21.07 -11.85 -22.35
C ASP A 171 -20.26 -13.00 -21.77
N ARG A 172 -20.15 -12.99 -20.44
CA ARG A 172 -19.42 -14.01 -19.68
C ARG A 172 -17.93 -14.17 -20.04
N LYS A 173 -17.32 -13.07 -20.49
CA LYS A 173 -15.88 -12.96 -20.71
C LYS A 173 -15.41 -11.65 -20.10
N VAL A 174 -14.25 -11.64 -19.44
CA VAL A 174 -13.84 -10.46 -18.66
C VAL A 174 -13.84 -9.18 -19.49
N LEU A 175 -14.23 -8.07 -18.87
CA LEU A 175 -14.13 -6.77 -19.53
C LEU A 175 -12.67 -6.54 -19.96
N ARG A 176 -12.50 -5.82 -21.08
CA ARG A 176 -11.19 -5.48 -21.62
C ARG A 176 -11.01 -3.98 -21.54
N GLU A 177 -9.77 -3.52 -21.65
CA GLU A 177 -9.51 -2.09 -21.56
C GLU A 177 -10.45 -1.31 -22.48
N GLY A 178 -11.01 -0.22 -21.96
CA GLY A 178 -11.91 0.63 -22.75
C GLY A 178 -13.38 0.29 -22.57
N GLU A 179 -13.68 -0.98 -22.28
CA GLU A 179 -15.08 -1.36 -22.07
C GLU A 179 -15.60 -0.77 -20.79
N ARG A 180 -16.91 -0.52 -20.76
CA ARG A 180 -17.57 0.16 -19.66
C ARG A 180 -17.81 -0.77 -18.50
N LEU A 181 -17.35 -0.32 -17.33
CA LEU A 181 -17.62 -1.02 -16.09
C LEU A 181 -18.65 -0.20 -15.31
N THR A 182 -19.66 -0.88 -14.78
CA THR A 182 -20.58 -0.27 -13.82
C THR A 182 -20.76 -1.07 -12.54
N LEU A 183 -20.75 -0.35 -11.42
CA LEU A 183 -20.82 -1.00 -10.14
C LEU A 183 -22.10 -0.63 -9.41
N PRO A 184 -23.25 -1.21 -9.82
CA PRO A 184 -24.56 -0.73 -9.32
C PRO A 184 -24.70 -0.91 -7.82
N GLN A 185 -24.42 -2.13 -7.34
CA GLN A 185 -24.61 -2.46 -5.93
C GLN A 185 -23.72 -1.64 -5.01
N LEU A 186 -22.50 -1.34 -5.47
CA LEU A 186 -21.57 -0.54 -4.65
C LEU A 186 -22.02 0.89 -4.57
N ALA A 187 -22.73 1.34 -5.61
CA ALA A 187 -23.26 2.70 -5.60
C ALA A 187 -24.34 2.82 -4.53
N ASP A 188 -25.26 1.84 -4.50
CA ASP A 188 -26.28 1.75 -3.40
C ASP A 188 -25.59 1.85 -2.06
N THR A 189 -24.57 0.98 -1.89
CA THR A 189 -23.86 0.83 -0.62
C THR A 189 -23.15 2.11 -0.23
N TYR A 190 -22.54 2.73 -1.25
CA TYR A 190 -21.82 3.97 -1.05
C TYR A 190 -22.81 5.05 -0.61
N GLU A 191 -23.98 5.04 -1.25
CA GLU A 191 -25.04 6.01 -0.92
C GLU A 191 -25.54 5.75 0.51
N THR A 192 -25.78 4.50 0.84
CA THR A 192 -26.21 4.20 2.22
C THR A 192 -25.18 4.75 3.20
N LEU A 193 -23.91 4.65 2.81
CA LEU A 193 -22.83 5.07 3.68
C LEU A 193 -22.76 6.57 3.82
N ALA A 194 -23.08 7.24 2.73
CA ALA A 194 -23.11 8.70 2.67
C ALA A 194 -24.21 9.24 3.56
N ILE A 195 -25.36 8.58 3.55
CA ILE A 195 -26.52 9.02 4.34
C ILE A 195 -26.43 8.60 5.80
N GLU A 196 -26.34 7.30 6.01
CA GLU A 196 -26.36 6.70 7.36
C GLU A 196 -25.04 6.77 8.11
N GLY A 197 -23.96 7.11 7.42
CA GLY A 197 -22.66 7.26 8.08
C GLY A 197 -21.95 5.94 8.23
N ALA A 198 -20.78 5.98 8.86
CA ALA A 198 -19.92 4.80 9.05
C ALA A 198 -20.65 3.69 9.74
N GLN A 199 -21.49 4.07 10.71
CA GLN A 199 -22.25 3.15 11.50
C GLN A 199 -22.99 2.08 10.68
N ALA A 200 -23.54 2.43 9.52
CA ALA A 200 -24.33 1.47 8.75
C ALA A 200 -23.58 0.17 8.41
N PHE A 201 -22.29 0.33 8.10
CA PHE A 201 -21.37 -0.79 7.86
C PHE A 201 -21.14 -1.62 9.13
N TYR A 202 -20.79 -0.95 10.22
CA TYR A 202 -20.29 -1.67 11.38
C TYR A 202 -21.39 -2.14 12.34
N ASN A 203 -22.47 -1.39 12.44
CA ASN A 203 -23.55 -1.69 13.39
C ASN A 203 -24.77 -0.93 12.94
N GLY A 204 -25.44 -1.48 11.95
CA GLY A 204 -26.39 -0.75 11.16
C GLY A 204 -26.91 -1.66 10.07
N SER A 205 -27.49 -1.05 9.04
CA SER A 205 -28.34 -1.74 8.07
C SER A 205 -27.63 -2.60 7.04
N LEU A 206 -26.31 -2.42 6.91
CA LEU A 206 -25.52 -3.27 6.03
C LEU A 206 -24.96 -4.48 6.74
N THR A 207 -24.90 -4.38 8.06
CA THR A 207 -24.11 -5.27 8.93
C THR A 207 -24.46 -6.74 8.88
N ALA A 208 -25.71 -7.07 8.66
CA ALA A 208 -26.09 -8.46 8.66
C ALA A 208 -25.78 -9.05 7.31
N GLN A 209 -25.92 -8.22 6.27
CA GLN A 209 -25.65 -8.68 4.92
C GLN A 209 -24.16 -9.06 4.74
N ILE A 210 -23.29 -8.31 5.41
CA ILE A 210 -21.84 -8.53 5.38
C ILE A 210 -21.46 -9.86 6.02
N VAL A 211 -21.99 -10.10 7.22
CA VAL A 211 -21.85 -11.36 7.92
C VAL A 211 -22.43 -12.50 7.08
N LYS A 212 -23.59 -12.29 6.48
CA LYS A 212 -24.22 -13.37 5.74
C LYS A 212 -23.36 -13.71 4.52
N ASP A 213 -22.74 -12.69 3.91
CA ASP A 213 -21.97 -12.93 2.70
C ASP A 213 -20.65 -13.64 2.99
N ILE A 214 -19.90 -13.11 3.96
CA ILE A 214 -18.65 -13.73 4.42
C ILE A 214 -18.86 -15.18 4.87
N GLN A 215 -19.82 -15.39 5.79
CA GLN A 215 -20.08 -16.72 6.33
C GLN A 215 -20.61 -17.71 5.28
N ALA A 216 -21.41 -17.25 4.33
CA ALA A 216 -21.93 -18.17 3.28
C ALA A 216 -20.79 -18.65 2.39
N ALA A 217 -19.67 -17.91 2.42
CA ALA A 217 -18.51 -18.28 1.62
C ALA A 217 -17.46 -19.05 2.45
N GLY A 218 -17.89 -19.54 3.62
CA GLY A 218 -17.04 -20.31 4.52
C GLY A 218 -16.30 -19.47 5.56
N GLY A 219 -16.58 -18.18 5.68
CA GLY A 219 -15.91 -17.35 6.71
C GLY A 219 -16.53 -17.45 8.09
N ILE A 220 -15.98 -16.65 9.02
CA ILE A 220 -16.31 -16.76 10.44
C ILE A 220 -16.39 -15.38 11.12
N VAL A 221 -16.47 -14.35 10.30
CA VAL A 221 -16.78 -13.01 10.75
C VAL A 221 -18.22 -13.00 11.28
N THR A 222 -18.41 -12.32 12.40
CA THR A 222 -19.75 -12.17 13.01
C THR A 222 -19.99 -10.71 13.29
N ALA A 223 -21.26 -10.34 13.49
CA ALA A 223 -21.63 -8.96 13.76
C ALA A 223 -20.74 -8.30 14.83
N GLU A 224 -20.35 -9.09 15.83
CA GLU A 224 -19.62 -8.62 17.01
C GLU A 224 -18.23 -8.17 16.57
N ASP A 225 -17.72 -8.83 15.55
CA ASP A 225 -16.44 -8.43 14.97
C ASP A 225 -16.58 -7.01 14.47
N LEU A 226 -17.65 -6.78 13.71
CA LEU A 226 -17.87 -5.48 13.10
C LEU A 226 -18.16 -4.41 14.13
N ASN A 227 -18.96 -4.76 15.16
CA ASN A 227 -19.34 -3.78 16.18
C ASN A 227 -18.14 -3.32 16.98
N ASN A 228 -17.20 -4.24 17.17
CA ASN A 228 -15.99 -4.02 17.95
C ASN A 228 -14.84 -3.37 17.18
N TYR A 229 -14.85 -3.44 15.87
CA TYR A 229 -13.76 -2.83 15.11
C TYR A 229 -13.61 -1.34 15.42
N ARG A 230 -12.39 -0.94 15.77
CA ARG A 230 -12.07 0.48 15.92
C ARG A 230 -10.79 0.83 15.15
N ALA A 231 -10.84 1.91 14.39
CA ALA A 231 -9.61 2.48 13.83
C ALA A 231 -8.84 3.16 14.95
N GLU A 232 -7.54 3.37 14.74
CA GLU A 232 -6.68 3.81 15.81
C GLU A 232 -5.86 5.02 15.42
N LEU A 233 -5.90 6.05 16.27
CA LEU A 233 -5.05 7.19 16.08
C LEU A 233 -3.70 6.89 16.67
N ILE A 234 -2.65 7.13 15.89
CA ILE A 234 -1.30 7.06 16.39
C ILE A 234 -0.66 8.44 16.34
N GLU A 235 -0.57 9.04 17.52
CA GLU A 235 -0.07 10.39 17.69
C GLU A 235 1.37 10.56 17.28
N HIS A 236 2.21 9.53 17.49
CA HIS A 236 3.64 9.65 17.16
C HIS A 236 4.09 8.57 16.17
N PRO A 237 4.09 8.92 14.88
CA PRO A 237 4.49 7.93 13.90
C PRO A 237 5.96 7.65 13.97
N LEU A 238 6.37 6.56 13.33
CA LEU A 238 7.78 6.28 13.19
C LEU A 238 8.39 7.41 12.40
N ASN A 239 9.66 7.67 12.67
CA ASN A 239 10.37 8.67 11.93
C ASN A 239 11.83 8.32 11.80
N ILE A 240 12.44 8.72 10.70
CA ILE A 240 13.89 8.67 10.55
C ILE A 240 14.35 10.02 10.02
N SER A 241 15.64 10.25 10.08
CA SER A 241 16.23 11.41 9.48
C SER A 241 16.88 11.08 8.13
N LEU A 242 16.67 11.92 7.15
CA LEU A 242 17.39 11.86 5.89
C LEU A 242 17.86 13.27 5.56
N GLY A 243 19.16 13.49 5.69
CA GLY A 243 19.77 14.82 5.58
C GLY A 243 19.22 15.73 6.66
N ASP A 244 18.50 16.78 6.24
CA ASP A 244 17.85 17.67 7.17
C ASP A 244 16.35 17.49 7.15
N ALA A 245 15.90 16.53 6.34
CA ALA A 245 14.51 16.11 6.28
C ALA A 245 14.22 15.05 7.34
N VAL A 246 12.93 14.79 7.58
CA VAL A 246 12.45 13.75 8.49
C VAL A 246 11.33 13.01 7.76
N LEU A 247 11.37 11.69 7.70
CA LEU A 247 10.26 10.93 7.10
C LEU A 247 9.39 10.32 8.15
N TYR A 248 8.08 10.48 8.00
CA TYR A 248 7.13 9.86 8.89
C TYR A 248 6.52 8.67 8.20
N MET A 249 6.40 7.57 8.94
CA MET A 249 5.90 6.34 8.37
C MET A 249 5.32 5.52 9.49
N PRO A 250 4.51 4.51 9.15
CA PRO A 250 3.79 3.82 10.20
C PRO A 250 4.67 2.76 10.83
N SER A 251 4.45 2.52 12.12
CA SER A 251 5.11 1.42 12.79
C SER A 251 4.44 0.06 12.48
N ALA A 252 4.93 -0.99 13.12
CA ALA A 252 4.30 -2.27 13.02
C ALA A 252 2.87 -2.03 13.48
N PRO A 253 1.88 -2.70 12.87
CA PRO A 253 2.06 -3.81 11.91
C PRO A 253 2.52 -3.51 10.46
N LEU A 254 2.91 -2.28 10.14
CA LEU A 254 3.31 -2.00 8.77
C LEU A 254 4.82 -2.08 8.58
N SER A 255 5.31 -1.76 7.40
CA SER A 255 6.75 -1.90 7.13
C SER A 255 7.57 -0.66 7.38
N GLY A 256 7.01 0.30 8.10
CA GLY A 256 7.79 1.45 8.55
C GLY A 256 9.18 1.04 9.05
N PRO A 257 9.24 0.08 9.99
CA PRO A 257 10.58 -0.32 10.48
C PRO A 257 11.56 -0.86 9.42
N VAL A 258 11.06 -1.64 8.45
CA VAL A 258 11.86 -2.15 7.35
C VAL A 258 12.40 -1.06 6.42
N LEU A 259 11.51 -0.13 6.08
CA LEU A 259 11.86 0.98 5.24
C LEU A 259 12.83 1.85 6.01
N ALA A 260 12.59 2.05 7.30
CA ALA A 260 13.55 2.87 8.10
C ALA A 260 14.93 2.19 8.10
N LEU A 261 14.90 0.87 8.30
CA LEU A 261 16.16 0.12 8.31
C LEU A 261 16.85 0.21 6.93
N ILE A 262 16.11 -0.01 5.84
CA ILE A 262 16.68 0.04 4.51
C ILE A 262 17.39 1.37 4.27
N LEU A 263 16.70 2.45 4.61
CA LEU A 263 17.17 3.81 4.28
C LEU A 263 18.28 4.23 5.20
N ASN A 264 18.12 3.96 6.49
CA ASN A 264 19.22 4.21 7.45
C ASN A 264 20.51 3.47 7.11
N ILE A 265 20.39 2.28 6.53
CA ILE A 265 21.56 1.55 6.11
C ILE A 265 22.20 2.33 4.98
N LEU A 266 21.38 2.72 4.00
CA LEU A 266 21.90 3.25 2.74
C LEU A 266 22.37 4.67 2.85
N LYS A 267 21.86 5.42 3.81
CA LYS A 267 22.29 6.83 3.96
C LYS A 267 23.75 6.94 4.31
N GLY A 268 24.32 5.87 4.84
CA GLY A 268 25.74 5.83 5.23
C GLY A 268 26.72 5.90 4.06
N TYR A 269 26.26 5.47 2.89
CA TYR A 269 27.09 5.52 1.68
C TYR A 269 27.13 6.89 1.02
N ASN A 270 26.41 7.87 1.59
CA ASN A 270 26.26 9.21 1.01
C ASN A 270 26.02 9.21 -0.50
N PHE A 271 24.97 8.52 -0.95
CA PHE A 271 24.61 8.51 -2.38
C PHE A 271 24.36 9.90 -2.97
N SER A 272 24.72 10.07 -4.23
CA SER A 272 24.47 11.30 -4.98
C SER A 272 24.34 10.98 -6.48
N ARG A 273 24.29 12.03 -7.29
CA ARG A 273 24.26 11.98 -8.75
C ARG A 273 25.39 11.08 -9.22
N GLU A 274 26.51 11.20 -8.53
CA GLU A 274 27.73 10.47 -8.82
C GLU A 274 27.54 8.96 -8.82
N SER A 275 26.70 8.45 -7.90
CA SER A 275 26.53 7.02 -7.65
C SER A 275 26.04 6.24 -8.89
N VAL A 276 25.48 6.94 -9.87
CA VAL A 276 24.97 6.28 -11.08
C VAL A 276 25.66 6.76 -12.36
N GLU A 277 26.61 7.69 -12.28
CA GLU A 277 27.17 8.26 -13.51
C GLU A 277 28.13 7.37 -14.29
N SER A 278 28.82 6.46 -13.62
CA SER A 278 29.57 5.41 -14.30
C SER A 278 29.00 4.07 -13.89
N PRO A 279 28.87 3.13 -14.83
CA PRO A 279 28.34 1.79 -14.52
C PRO A 279 29.09 1.08 -13.39
N GLU A 280 30.38 1.38 -13.25
CA GLU A 280 31.14 0.89 -12.11
C GLU A 280 30.52 1.37 -10.81
N GLN A 281 30.28 2.68 -10.68
CA GLN A 281 29.65 3.20 -9.48
C GLN A 281 28.20 2.74 -9.38
N LYS A 282 27.50 2.76 -10.53
CA LYS A 282 26.09 2.41 -10.56
C LYS A 282 25.89 0.96 -10.21
N GLY A 283 26.84 0.11 -10.62
CA GLY A 283 26.85 -1.31 -10.26
C GLY A 283 26.89 -1.58 -8.76
N LEU A 284 27.86 -0.95 -8.09
CA LEU A 284 28.05 -1.09 -6.67
C LEU A 284 26.89 -0.48 -5.88
N THR A 285 26.40 0.67 -6.34
CA THR A 285 25.27 1.37 -5.72
C THR A 285 24.05 0.43 -5.61
N TYR A 286 23.67 -0.17 -6.73
CA TYR A 286 22.56 -1.12 -6.77
C TYR A 286 22.76 -2.44 -6.01
N HIS A 287 23.99 -2.96 -6.05
CA HIS A 287 24.38 -4.05 -5.17
C HIS A 287 24.17 -3.72 -3.70
N ARG A 288 24.72 -2.59 -3.24
CA ARG A 288 24.53 -2.16 -1.85
C ARG A 288 23.05 -2.01 -1.53
N ILE A 289 22.30 -1.50 -2.51
CA ILE A 289 20.87 -1.32 -2.31
C ILE A 289 20.20 -2.66 -2.03
N VAL A 290 20.50 -3.66 -2.85
CA VAL A 290 19.94 -5.00 -2.64
C VAL A 290 20.40 -5.63 -1.31
N GLU A 291 21.68 -5.44 -0.98
CA GLU A 291 22.16 -5.89 0.32
C GLU A 291 21.37 -5.24 1.48
N ALA A 292 20.99 -3.95 1.33
CA ALA A 292 20.29 -3.28 2.41
C ALA A 292 18.91 -3.88 2.61
N PHE A 293 18.23 -4.20 1.48
CA PHE A 293 16.97 -4.95 1.46
C PHE A 293 17.05 -6.26 2.23
N ARG A 294 18.11 -7.02 1.96
CA ARG A 294 18.32 -8.34 2.57
C ARG A 294 18.58 -8.26 4.07
N PHE A 295 19.45 -7.32 4.47
CA PHE A 295 19.64 -7.07 5.88
C PHE A 295 18.35 -6.63 6.59
N ALA A 296 17.58 -5.73 5.99
CA ALA A 296 16.35 -5.24 6.64
C ALA A 296 15.28 -6.30 6.66
N TYR A 297 15.11 -7.03 5.55
CA TYR A 297 14.17 -8.16 5.53
C TYR A 297 14.42 -9.26 6.59
N ALA A 298 15.69 -9.54 6.87
CA ALA A 298 16.11 -10.50 7.88
C ALA A 298 15.46 -10.25 9.23
N LYS A 299 15.38 -8.98 9.61
CA LYS A 299 14.87 -8.63 10.90
C LYS A 299 13.32 -8.55 10.92
N ARG A 300 12.73 -8.44 9.73
CA ARG A 300 11.29 -8.23 9.57
C ARG A 300 10.43 -9.29 10.24
N THR A 301 10.88 -10.56 10.16
CA THR A 301 10.12 -11.68 10.72
C THR A 301 9.96 -11.64 12.25
N LEU A 302 10.60 -10.65 12.87
CA LEU A 302 10.41 -10.39 14.30
C LEU A 302 9.20 -9.50 14.56
N LEU A 303 8.54 -9.04 13.51
CA LEU A 303 7.52 -8.00 13.63
C LEU A 303 6.15 -8.58 13.68
N GLY A 304 5.26 -7.89 14.38
CA GLY A 304 3.86 -8.19 14.39
C GLY A 304 3.11 -7.09 15.07
N ASP A 305 1.79 -7.28 15.16
CA ASP A 305 0.90 -6.31 15.76
C ASP A 305 1.41 -5.99 17.18
N PRO A 306 1.78 -4.71 17.45
CA PRO A 306 2.32 -4.38 18.78
C PRO A 306 1.33 -4.53 19.94
N LYS A 307 0.05 -4.78 19.65
CA LYS A 307 -0.95 -5.00 20.71
C LYS A 307 -0.83 -6.41 21.30
N PHE A 308 -0.18 -7.31 20.57
CA PHE A 308 -0.20 -8.73 20.90
C PHE A 308 1.21 -9.29 21.07
N VAL A 309 2.19 -8.55 20.60
CA VAL A 309 3.58 -8.98 20.73
C VAL A 309 4.39 -7.76 21.07
N ASP A 310 5.34 -7.92 21.98
CA ASP A 310 6.09 -6.78 22.40
C ASP A 310 7.27 -6.64 21.45
N VAL A 311 7.10 -5.76 20.49
CA VAL A 311 8.13 -5.51 19.51
C VAL A 311 8.81 -4.15 19.76
N THR A 312 8.56 -3.59 20.94
CA THR A 312 9.15 -2.30 21.36
C THR A 312 10.63 -2.22 21.01
N GLU A 313 11.39 -3.20 21.49
CA GLU A 313 12.82 -3.23 21.31
C GLU A 313 13.26 -3.55 19.87
N VAL A 314 12.54 -4.47 19.22
CA VAL A 314 12.79 -4.82 17.81
C VAL A 314 12.69 -3.56 16.94
N VAL A 315 11.59 -2.83 17.10
CA VAL A 315 11.31 -1.58 16.36
C VAL A 315 12.34 -0.50 16.70
N ARG A 316 12.70 -0.39 17.97
CA ARG A 316 13.69 0.61 18.36
C ARG A 316 15.03 0.26 17.71
N ASN A 317 15.36 -1.03 17.68
CA ASN A 317 16.54 -1.47 16.95
C ASN A 317 16.47 -1.14 15.47
N MET A 318 15.35 -1.49 14.83
CA MET A 318 15.23 -1.33 13.37
C MET A 318 15.32 0.14 12.90
N THR A 319 14.87 1.08 13.73
CA THR A 319 14.85 2.47 13.32
C THR A 319 16.01 3.21 13.95
N SER A 320 17.00 2.48 14.45
CA SER A 320 18.11 3.15 15.12
C SER A 320 19.35 3.17 14.24
N GLU A 321 20.18 4.20 14.47
CA GLU A 321 21.37 4.43 13.68
C GLU A 321 22.48 3.43 14.02
N PHE A 322 22.59 3.08 15.30
CA PHE A 322 23.58 2.10 15.71
C PHE A 322 23.37 0.80 14.93
N PHE A 323 22.15 0.28 14.97
CA PHE A 323 21.79 -1.00 14.35
C PHE A 323 22.09 -0.99 12.87
N ALA A 324 21.62 0.06 12.20
CA ALA A 324 21.88 0.26 10.78
C ALA A 324 23.37 0.25 10.47
N ALA A 325 24.14 1.06 11.21
CA ALA A 325 25.62 1.06 11.12
C ALA A 325 26.19 -0.35 11.25
N GLN A 326 25.68 -1.06 12.24
CA GLN A 326 26.07 -2.43 12.49
C GLN A 326 25.85 -3.34 11.26
N LEU A 327 24.79 -3.12 10.49
CA LEU A 327 24.54 -4.01 9.34
C LEU A 327 25.24 -3.54 8.08
N ARG A 328 25.41 -2.23 7.93
CA ARG A 328 26.14 -1.69 6.78
C ARG A 328 27.58 -2.22 6.78
N ALA A 329 28.15 -2.28 7.99
CA ALA A 329 29.51 -2.77 8.23
C ALA A 329 29.74 -4.18 7.75
N GLN A 330 28.65 -4.94 7.63
CA GLN A 330 28.69 -6.32 7.15
C GLN A 330 28.38 -6.50 5.66
N ILE A 331 27.91 -5.46 5.00
CA ILE A 331 27.67 -5.56 3.56
C ILE A 331 29.01 -5.69 2.83
N SER A 332 29.14 -6.69 1.95
CA SER A 332 30.37 -6.82 1.16
C SER A 332 30.17 -6.13 -0.16
N ASP A 333 31.12 -5.30 -0.57
CA ASP A 333 30.99 -4.61 -1.84
C ASP A 333 31.23 -5.56 -3.00
N ASP A 334 31.97 -6.64 -2.73
CA ASP A 334 32.33 -7.61 -3.75
C ASP A 334 31.34 -8.78 -3.90
N THR A 335 30.40 -8.91 -2.97
CA THR A 335 29.58 -10.11 -3.00
C THR A 335 28.32 -10.08 -2.15
N THR A 336 27.32 -10.81 -2.62
CA THR A 336 26.13 -11.11 -1.81
C THR A 336 26.42 -12.38 -0.99
N HIS A 337 25.47 -12.77 -0.14
CA HIS A 337 25.71 -13.81 0.85
C HIS A 337 24.54 -14.77 0.93
N PRO A 338 24.77 -15.93 1.55
CA PRO A 338 23.71 -16.86 1.95
C PRO A 338 22.67 -16.18 2.83
N ILE A 339 21.43 -16.62 2.75
CA ILE A 339 20.35 -16.13 3.63
C ILE A 339 20.78 -15.96 5.08
N SER A 340 21.43 -17.00 5.63
CA SER A 340 21.80 -17.04 7.06
C SER A 340 22.78 -15.93 7.47
N TYR A 341 23.56 -15.41 6.52
CA TYR A 341 24.51 -14.34 6.81
C TYR A 341 23.83 -13.07 7.34
N TYR A 342 22.56 -12.90 6.96
CA TYR A 342 21.85 -11.71 7.39
C TYR A 342 21.26 -11.88 8.78
N LYS A 343 21.32 -13.10 9.31
CA LYS A 343 20.76 -13.42 10.63
C LYS A 343 19.27 -13.15 10.66
N PRO A 344 18.50 -13.85 9.81
CA PRO A 344 17.05 -13.77 9.96
C PRO A 344 16.67 -14.27 11.34
N GLU A 345 15.63 -13.67 11.94
CA GLU A 345 15.29 -14.03 13.29
C GLU A 345 13.80 -14.21 13.40
N PHE A 346 13.41 -15.22 14.17
CA PHE A 346 12.02 -15.61 14.35
C PHE A 346 11.66 -15.60 15.83
N TYR A 347 12.62 -15.16 16.67
CA TYR A 347 12.43 -14.89 18.11
C TYR A 347 13.43 -13.82 18.54
N THR B 1 -3.71 -3.57 -3.67
CA THR B 1 -3.25 -2.34 -2.93
C THR B 1 -3.26 -1.13 -3.86
N ALA B 2 -3.56 0.04 -3.30
CA ALA B 2 -3.44 1.27 -4.03
C ALA B 2 -2.74 2.30 -3.15
N HIS B 3 -1.84 3.09 -3.73
CA HIS B 3 -1.37 4.24 -2.96
C HIS B 3 -1.85 5.55 -3.57
N LEU B 4 -2.18 6.52 -2.73
CA LEU B 4 -2.27 7.88 -3.23
C LEU B 4 -1.68 8.91 -2.29
N SER B 5 -1.26 10.01 -2.90
CA SER B 5 -0.64 11.14 -2.23
C SER B 5 -1.46 12.43 -2.46
N VAL B 6 -1.42 13.33 -1.47
CA VAL B 6 -2.20 14.56 -1.53
C VAL B 6 -1.39 15.63 -0.80
N VAL B 7 -1.32 16.82 -1.40
CA VAL B 7 -0.89 18.04 -0.70
C VAL B 7 -1.95 19.12 -0.94
N ALA B 8 -2.57 19.60 0.14
CA ALA B 8 -3.54 20.68 0.04
C ALA B 8 -2.80 22.01 0.07
N GLU B 9 -3.50 23.06 -0.37
CA GLU B 9 -3.02 24.44 -0.42
C GLU B 9 -2.35 25.01 0.83
N ASP B 10 -2.77 24.58 2.00
CA ASP B 10 -2.20 25.05 3.24
C ASP B 10 -0.90 24.32 3.53
N GLY B 11 -0.57 23.37 2.66
CA GLY B 11 0.64 22.56 2.85
C GLY B 11 0.49 21.34 3.76
N SER B 12 -0.71 21.09 4.27
CA SER B 12 -1.01 19.82 4.94
C SER B 12 -0.95 18.71 3.88
N ALA B 13 -0.62 17.49 4.31
CA ALA B 13 -0.54 16.34 3.36
C ALA B 13 -1.05 15.01 3.91
N VAL B 14 -1.39 14.11 2.98
CA VAL B 14 -1.81 12.75 3.33
C VAL B 14 -1.12 11.77 2.39
N SER B 15 -0.44 10.79 2.97
CA SER B 15 -0.02 9.61 2.25
C SER B 15 -0.92 8.48 2.73
N ALA B 16 -1.53 7.76 1.79
CA ALA B 16 -2.47 6.75 2.14
C ALA B 16 -2.36 5.52 1.28
N THR B 17 -2.17 4.38 1.93
CA THR B 17 -2.16 3.11 1.23
C THR B 17 -3.31 2.27 1.78
N SER B 18 -3.89 1.46 0.91
CA SER B 18 -5.10 0.75 1.22
C SER B 18 -5.11 -0.50 0.39
N THR B 19 -5.67 -1.61 0.91
CA THR B 19 -5.62 -2.85 0.18
C THR B 19 -6.72 -3.83 0.57
N ILE B 20 -7.07 -4.69 -0.39
CA ILE B 20 -7.86 -5.89 -0.11
C ILE B 20 -6.98 -7.14 -0.22
N ASN B 21 -5.68 -6.88 -0.38
CA ASN B 21 -4.62 -7.90 -0.51
C ASN B 21 -4.40 -8.42 -1.92
N LEU B 22 -4.90 -9.60 -2.27
CA LEU B 22 -4.73 -10.12 -3.64
C LEU B 22 -5.65 -9.44 -4.66
N TYR B 23 -5.32 -9.52 -5.95
CA TYR B 23 -6.25 -9.01 -6.97
C TYR B 23 -7.65 -9.58 -6.65
N PHE B 24 -8.64 -8.70 -6.51
CA PHE B 24 -10.01 -9.08 -6.17
C PHE B 24 -10.11 -9.75 -4.78
N GLY B 25 -9.09 -9.55 -3.95
CA GLY B 25 -9.02 -10.07 -2.58
C GLY B 25 -9.39 -11.55 -2.51
N SER B 26 -10.28 -11.91 -1.57
CA SER B 26 -10.72 -13.27 -1.34
C SER B 26 -11.50 -13.86 -2.56
N LYS B 27 -11.87 -13.01 -3.51
CA LYS B 27 -12.78 -13.37 -4.60
C LYS B 27 -14.21 -13.58 -4.10
N VAL B 28 -14.48 -13.19 -2.85
CA VAL B 28 -15.85 -13.09 -2.39
C VAL B 28 -16.39 -11.67 -2.61
N ARG B 29 -17.38 -11.60 -3.49
CA ARG B 29 -18.16 -10.37 -3.68
C ARG B 29 -19.61 -10.60 -3.30
N SER B 30 -20.13 -9.75 -2.42
CA SER B 30 -21.57 -9.77 -2.11
C SER B 30 -22.49 -9.43 -3.31
N PRO B 31 -23.45 -10.32 -3.64
CA PRO B 31 -24.39 -9.98 -4.70
C PRO B 31 -25.41 -8.93 -4.26
N VAL B 32 -25.43 -8.61 -2.98
CA VAL B 32 -26.34 -7.60 -2.50
C VAL B 32 -25.66 -6.24 -2.36
N SER B 33 -24.53 -6.21 -1.65
CA SER B 33 -23.89 -4.93 -1.38
C SER B 33 -22.83 -4.60 -2.44
N GLY B 34 -22.44 -5.59 -3.23
CA GLY B 34 -21.36 -5.42 -4.20
C GLY B 34 -20.00 -5.32 -3.55
N ILE B 35 -19.94 -5.50 -2.22
CA ILE B 35 -18.65 -5.45 -1.49
C ILE B 35 -17.82 -6.67 -1.78
N LEU B 36 -16.58 -6.38 -2.18
CA LEU B 36 -15.56 -7.36 -2.44
C LEU B 36 -14.69 -7.48 -1.18
N PHE B 37 -14.67 -8.68 -0.60
CA PHE B 37 -13.90 -8.87 0.61
C PHE B 37 -12.43 -9.17 0.43
N ASN B 38 -11.62 -8.44 1.21
CA ASN B 38 -10.19 -8.68 1.39
C ASN B 38 -9.89 -10.15 1.70
N ASN B 39 -8.72 -10.63 1.25
CA ASN B 39 -8.12 -11.84 1.86
C ASN B 39 -6.92 -11.49 2.72
N GLU B 40 -7.07 -10.56 3.65
CA GLU B 40 -5.93 -10.13 4.46
C GLU B 40 -5.43 -11.22 5.47
N MET B 41 -6.26 -12.22 5.77
CA MET B 41 -5.84 -13.34 6.63
C MET B 41 -4.59 -13.98 6.04
N ASP B 42 -4.40 -13.83 4.73
CA ASP B 42 -3.23 -14.42 4.07
C ASP B 42 -1.91 -13.78 4.48
N ASP B 43 -1.97 -12.59 5.06
CA ASP B 43 -0.74 -11.93 5.47
C ASP B 43 -0.21 -12.35 6.83
N PHE B 44 -0.93 -13.26 7.47
CA PHE B 44 -0.46 -13.83 8.73
C PHE B 44 0.53 -14.98 8.45
N SER B 45 1.42 -15.23 9.40
CA SER B 45 2.19 -16.48 9.39
C SER B 45 1.35 -17.64 9.97
N SER B 46 1.69 -18.85 9.54
N SER B 46 1.75 -18.82 9.47
CA SER B 46 1.08 -20.07 10.06
CA SER B 46 1.14 -20.04 9.99
C SER B 46 2.13 -20.83 10.86
C SER B 46 2.20 -20.80 10.78
N PRO B 47 1.74 -21.45 11.98
CA PRO B 47 2.70 -22.27 12.72
C PRO B 47 3.10 -23.53 11.97
N SER B 48 2.28 -23.96 11.02
CA SER B 48 2.44 -25.27 10.35
C SER B 48 3.36 -25.20 9.14
N ILE B 49 2.96 -24.40 8.15
CA ILE B 49 3.54 -24.38 6.82
C ILE B 49 4.42 -23.16 6.60
N THR B 50 5.23 -23.20 5.55
CA THR B 50 5.93 -22.01 5.09
C THR B 50 5.05 -21.31 4.03
N ASN B 51 4.96 -19.98 4.12
CA ASN B 51 4.19 -19.20 3.12
C ASN B 51 4.70 -19.35 1.69
N GLU B 52 3.95 -18.85 0.71
CA GLU B 52 4.38 -18.91 -0.69
C GLU B 52 5.68 -18.13 -0.93
N PHE B 53 6.01 -17.22 -0.03
CA PHE B 53 7.28 -16.50 -0.13
C PHE B 53 8.47 -17.20 0.54
N GLY B 54 8.23 -18.41 1.04
CA GLY B 54 9.25 -19.21 1.73
C GLY B 54 9.54 -18.78 3.16
N VAL B 55 8.72 -17.89 3.73
CA VAL B 55 8.92 -17.43 5.11
C VAL B 55 8.40 -18.48 6.09
N PRO B 56 9.31 -19.08 6.87
CA PRO B 56 8.86 -20.13 7.77
C PRO B 56 8.03 -19.52 8.90
N PRO B 57 7.34 -20.36 9.66
CA PRO B 57 6.58 -19.90 10.79
C PRO B 57 7.29 -18.80 11.60
N SER B 58 6.62 -17.66 11.76
CA SER B 58 7.15 -16.52 12.51
C SER B 58 6.13 -16.11 13.54
N PRO B 59 6.27 -16.63 14.77
CA PRO B 59 5.24 -16.50 15.83
C PRO B 59 4.81 -15.08 16.14
N ALA B 60 5.71 -14.11 15.89
CA ALA B 60 5.36 -12.70 15.98
C ALA B 60 4.15 -12.37 15.08
N ASN B 61 4.00 -13.14 14.00
CA ASN B 61 2.93 -12.91 13.05
C ASN B 61 1.95 -14.06 12.94
N PHE B 62 1.77 -14.81 14.02
CA PHE B 62 0.70 -15.82 14.02
C PHE B 62 -0.64 -15.14 14.22
N ILE B 63 -1.68 -15.73 13.64
CA ILE B 63 -3.08 -15.34 13.83
C ILE B 63 -3.49 -15.40 15.30
N GLN B 64 -4.14 -14.32 15.76
CA GLN B 64 -4.77 -14.28 17.07
C GLN B 64 -6.10 -13.58 16.83
N PRO B 65 -7.14 -13.87 17.64
CA PRO B 65 -8.36 -13.06 17.55
C PRO B 65 -8.09 -11.57 17.85
N GLY B 66 -8.65 -10.67 17.03
CA GLY B 66 -8.43 -9.21 17.13
C GLY B 66 -7.11 -8.66 16.58
N LYS B 67 -6.27 -9.53 16.02
CA LYS B 67 -4.91 -9.12 15.68
C LYS B 67 -4.71 -8.67 14.24
N GLN B 68 -3.81 -7.72 14.05
CA GLN B 68 -3.54 -7.22 12.69
C GLN B 68 -2.34 -7.91 12.06
N PRO B 69 -2.53 -8.46 10.85
CA PRO B 69 -1.44 -9.17 10.24
C PRO B 69 -0.37 -8.19 9.78
N LEU B 70 0.87 -8.66 9.75
CA LEU B 70 1.97 -7.88 9.26
C LEU B 70 1.65 -7.42 7.83
N SER B 71 1.96 -6.17 7.56
CA SER B 71 1.78 -5.59 6.24
C SER B 71 3.07 -5.02 5.65
N SER B 72 3.13 -5.05 4.34
CA SER B 72 4.28 -4.50 3.58
C SER B 72 4.07 -3.04 3.25
N MET B 73 2.87 -2.52 3.51
CA MET B 73 2.57 -1.13 3.19
C MET B 73 3.43 -0.17 4.02
N CYS B 74 3.76 1.00 3.44
N CYS B 74 3.82 1.03 3.37
CA CYS B 74 4.49 2.03 4.17
CA CYS B 74 4.55 2.07 4.10
C CYS B 74 4.21 3.43 3.59
C CYS B 74 4.27 3.47 3.52
N PRO B 75 3.00 3.96 3.83
CA PRO B 75 2.71 5.30 3.32
C PRO B 75 3.53 6.35 4.10
N THR B 76 4.21 7.23 3.35
CA THR B 76 5.24 8.08 3.94
C THR B 76 5.16 9.54 3.59
N ILE B 77 5.48 10.41 4.56
CA ILE B 77 5.53 11.84 4.33
C ILE B 77 6.88 12.33 4.79
N MET B 78 7.63 12.92 3.86
CA MET B 78 8.89 13.54 4.17
C MET B 78 8.64 15.02 4.48
N VAL B 79 9.21 15.49 5.58
CA VAL B 79 8.94 16.86 6.05
C VAL B 79 10.24 17.60 6.20
N GLY B 80 10.27 18.82 5.69
CA GLY B 80 11.44 19.66 5.80
C GLY B 80 11.80 20.17 7.19
N GLN B 81 13.06 20.58 7.29
CA GLN B 81 13.60 21.41 8.38
C GLN B 81 12.68 22.56 8.76
N ASP B 82 12.19 23.25 7.73
CA ASP B 82 11.30 24.39 7.84
C ASP B 82 9.89 23.99 8.23
N GLY B 83 9.63 22.69 8.32
CA GLY B 83 8.27 22.21 8.56
C GLY B 83 7.43 22.14 7.28
N GLN B 84 8.04 22.35 6.13
CA GLN B 84 7.33 22.20 4.89
C GLN B 84 7.49 20.79 4.35
N VAL B 85 6.35 20.15 4.08
CA VAL B 85 6.32 18.88 3.34
C VAL B 85 7.28 18.90 2.16
N ARG B 86 8.23 17.94 2.06
CA ARG B 86 9.23 17.78 1.00
C ARG B 86 8.73 16.75 0.00
N MET B 87 7.94 15.71 0.55
CA MET B 87 7.61 14.59 -0.30
C MET B 87 6.51 13.79 0.33
N VAL B 88 5.70 13.20 -0.54
CA VAL B 88 4.64 12.34 -0.14
C VAL B 88 4.73 11.14 -1.08
N VAL B 89 4.92 9.95 -0.52
CA VAL B 89 5.19 8.79 -1.36
C VAL B 89 4.82 7.49 -0.66
N GLY B 90 4.47 6.51 -1.47
CA GLY B 90 4.17 5.16 -1.02
C GLY B 90 3.90 4.37 -2.26
N ALA B 91 3.65 3.08 -2.09
CA ALA B 91 3.63 2.20 -3.25
C ALA B 91 2.67 1.10 -3.01
N ALA B 92 2.46 0.32 -4.05
CA ALA B 92 1.46 -0.71 -4.05
C ALA B 92 1.86 -1.80 -5.01
N GLY B 93 1.39 -3.02 -4.78
CA GLY B 93 1.69 -4.14 -5.71
C GLY B 93 2.47 -5.26 -5.05
N GLY B 94 1.80 -6.41 -4.92
CA GLY B 94 2.37 -7.60 -4.28
C GLY B 94 3.09 -7.30 -2.98
N THR B 95 4.30 -7.85 -2.84
CA THR B 95 5.11 -7.63 -1.65
C THR B 95 6.23 -6.67 -1.90
N GLN B 96 6.23 -6.02 -3.07
CA GLN B 96 7.34 -5.15 -3.47
C GLN B 96 7.20 -3.74 -2.94
N ILE B 97 6.29 -3.53 -1.97
CA ILE B 97 5.93 -2.16 -1.60
C ILE B 97 7.04 -1.40 -0.86
N THR B 98 7.73 -2.06 0.05
CA THR B 98 8.70 -1.35 0.87
C THR B 98 9.94 -1.00 0.05
N THR B 99 10.30 -1.87 -0.90
CA THR B 99 11.55 -1.73 -1.68
C THR B 99 11.34 -0.63 -2.69
N ALA B 100 10.18 -0.67 -3.36
CA ALA B 100 9.69 0.39 -4.26
C ALA B 100 9.59 1.75 -3.59
N THR B 101 9.07 1.80 -2.38
CA THR B 101 9.00 3.08 -1.66
C THR B 101 10.42 3.60 -1.47
N ALA B 102 11.30 2.78 -0.90
CA ALA B 102 12.72 3.12 -0.73
C ALA B 102 13.36 3.66 -2.00
N LEU B 103 13.12 2.97 -3.10
CA LEU B 103 13.72 3.28 -4.37
C LEU B 103 13.29 4.67 -4.83
N ALA B 104 12.00 4.97 -4.77
CA ALA B 104 11.53 6.25 -5.24
C ALA B 104 12.16 7.38 -4.43
N ILE B 105 12.33 7.15 -3.14
CA ILE B 105 12.96 8.14 -2.28
C ILE B 105 14.42 8.31 -2.63
N ILE B 106 15.08 7.21 -2.97
CA ILE B 106 16.49 7.23 -3.30
C ILE B 106 16.70 7.98 -4.63
N TYR B 107 16.06 7.47 -5.67
CA TYR B 107 15.89 8.11 -6.93
C TYR B 107 15.66 9.63 -6.88
N ASN B 108 14.74 10.11 -6.06
CA ASN B 108 14.51 11.55 -6.00
C ASN B 108 15.51 12.25 -5.11
N LEU B 109 15.61 11.80 -3.88
CA LEU B 109 16.36 12.52 -2.85
C LEU B 109 17.85 12.37 -3.05
N TRP B 110 18.32 11.22 -3.53
CA TRP B 110 19.78 11.06 -3.67
C TRP B 110 20.36 11.11 -5.08
N PHE B 111 19.75 10.37 -6.00
CA PHE B 111 20.14 10.43 -7.41
C PHE B 111 19.73 11.76 -8.09
N GLY B 112 18.78 12.49 -7.47
CA GLY B 112 18.26 13.77 -7.96
C GLY B 112 17.34 13.65 -9.16
N TYR B 113 16.66 12.51 -9.34
CA TYR B 113 15.71 12.39 -10.45
C TYR B 113 14.43 13.16 -10.14
N ASP B 114 13.85 13.79 -11.17
CA ASP B 114 12.56 14.51 -11.00
C ASP B 114 11.43 13.53 -10.71
N VAL B 115 10.34 14.03 -10.13
CA VAL B 115 9.34 13.16 -9.52
C VAL B 115 8.75 12.16 -10.54
N LYS B 116 8.70 12.51 -11.82
CA LYS B 116 8.10 11.56 -12.72
C LYS B 116 9.14 10.48 -13.09
N ARG B 117 10.40 10.84 -13.04
CA ARG B 117 11.46 9.84 -13.27
C ARG B 117 11.69 8.96 -12.06
N ALA B 118 11.65 9.56 -10.86
CA ALA B 118 11.67 8.73 -9.64
C ALA B 118 10.67 7.58 -9.77
N VAL B 119 9.48 7.87 -10.25
CA VAL B 119 8.37 6.88 -10.32
C VAL B 119 8.49 5.95 -11.52
N GLU B 120 8.96 6.48 -12.64
CA GLU B 120 8.99 5.70 -13.88
C GLU B 120 10.22 4.81 -13.94
N GLU B 121 11.30 5.25 -13.30
CA GLU B 121 12.60 4.55 -13.31
C GLU B 121 12.51 3.05 -13.01
N PRO B 122 13.25 2.23 -13.78
CA PRO B 122 13.29 0.80 -13.51
C PRO B 122 13.53 0.43 -12.01
N ARG B 123 12.86 -0.64 -11.58
CA ARG B 123 13.02 -1.04 -10.21
C ARG B 123 13.59 -2.45 -10.12
N LEU B 124 13.98 -2.81 -8.90
CA LEU B 124 14.44 -4.15 -8.63
C LEU B 124 14.01 -4.49 -7.22
N HIS B 125 14.03 -5.77 -6.88
CA HIS B 125 13.48 -6.22 -5.59
C HIS B 125 14.12 -7.49 -5.07
N ASN B 126 14.59 -7.45 -3.81
CA ASN B 126 14.94 -8.66 -3.05
C ASN B 126 14.39 -8.64 -1.62
N GLN B 127 13.62 -9.65 -1.24
CA GLN B 127 13.10 -9.65 0.13
C GLN B 127 13.69 -10.75 1.02
N LEU B 128 14.84 -11.26 0.59
CA LEU B 128 15.63 -12.25 1.35
C LEU B 128 14.96 -13.61 1.24
N LEU B 129 13.66 -13.64 1.45
CA LEU B 129 12.85 -14.81 1.19
C LEU B 129 11.63 -14.35 0.42
N PRO B 130 11.46 -14.80 -0.83
CA PRO B 130 12.35 -15.75 -1.48
C PRO B 130 13.75 -15.19 -1.72
N ASN B 131 14.69 -16.10 -1.96
CA ASN B 131 16.08 -15.75 -2.13
C ASN B 131 16.44 -15.46 -3.59
N VAL B 132 15.84 -14.43 -4.15
CA VAL B 132 16.10 -14.06 -5.55
C VAL B 132 15.99 -12.55 -5.70
N THR B 133 16.78 -12.00 -6.62
CA THR B 133 16.67 -10.60 -7.01
C THR B 133 15.91 -10.49 -8.34
N THR B 134 14.76 -9.84 -8.28
CA THR B 134 13.93 -9.65 -9.46
C THR B 134 14.21 -8.24 -9.99
N VAL B 135 14.50 -8.13 -11.29
CA VAL B 135 14.68 -6.85 -11.95
C VAL B 135 13.54 -6.60 -12.94
N GLU B 136 13.15 -5.35 -13.11
CA GLU B 136 12.26 -5.00 -14.22
C GLU B 136 12.84 -5.17 -15.63
N ARG B 137 11.97 -5.51 -16.59
CA ARG B 137 12.33 -5.90 -17.95
C ARG B 137 13.19 -4.86 -18.68
N ASN B 138 13.22 -3.63 -18.16
CA ASN B 138 13.93 -2.55 -18.84
C ASN B 138 14.97 -1.89 -17.93
N ILE B 139 15.34 -2.57 -16.85
CA ILE B 139 16.40 -2.11 -16.00
C ILE B 139 17.66 -1.86 -16.87
N ASP B 140 18.50 -0.92 -16.44
CA ASP B 140 19.82 -0.77 -17.00
C ASP B 140 20.58 -2.11 -16.83
N GLN B 141 20.93 -2.77 -17.93
CA GLN B 141 21.53 -4.10 -17.85
C GLN B 141 22.93 -4.17 -17.26
N ALA B 142 23.55 -2.99 -17.12
CA ALA B 142 24.75 -2.86 -16.32
C ALA B 142 24.47 -3.15 -14.86
N VAL B 143 23.27 -2.84 -14.40
CA VAL B 143 22.87 -3.19 -13.02
C VAL B 143 22.79 -4.70 -12.90
N THR B 144 22.14 -5.35 -13.87
CA THR B 144 22.04 -6.81 -13.94
C THR B 144 23.41 -7.48 -13.94
N ALA B 145 24.31 -7.05 -14.84
CA ALA B 145 25.69 -7.50 -14.87
C ALA B 145 26.38 -7.31 -13.55
N ALA B 146 26.33 -6.09 -12.98
CA ALA B 146 27.05 -5.82 -11.74
C ALA B 146 26.56 -6.67 -10.57
N LEU B 147 25.30 -7.08 -10.61
CA LEU B 147 24.80 -7.95 -9.54
C LEU B 147 25.19 -9.41 -9.75
N GLU B 148 25.08 -9.90 -10.98
CA GLU B 148 25.44 -11.30 -11.23
C GLU B 148 26.93 -11.53 -10.96
N THR B 149 27.77 -10.57 -11.31
CA THR B 149 29.20 -10.71 -11.01
C THR B 149 29.48 -10.62 -9.51
N ARG B 150 28.46 -10.26 -8.74
CA ARG B 150 28.58 -10.38 -7.29
C ARG B 150 27.76 -11.56 -6.74
N HIS B 151 27.31 -12.43 -7.65
CA HIS B 151 26.72 -13.74 -7.33
C HIS B 151 25.24 -13.70 -6.97
N HIS B 152 24.58 -12.61 -7.35
CA HIS B 152 23.14 -12.50 -7.31
C HIS B 152 22.60 -13.28 -8.48
N HIS B 153 21.76 -14.28 -8.27
CA HIS B 153 21.07 -14.83 -9.41
C HIS B 153 19.79 -14.04 -9.60
N THR B 154 19.76 -13.24 -10.66
CA THR B 154 18.65 -12.37 -10.99
C THR B 154 17.60 -13.05 -11.90
N GLN B 155 16.37 -12.57 -11.79
CA GLN B 155 15.33 -12.95 -12.71
C GLN B 155 14.62 -11.68 -13.13
N ILE B 156 13.85 -11.78 -14.20
CA ILE B 156 13.19 -10.62 -14.74
C ILE B 156 11.72 -10.78 -14.42
N ALA B 157 11.12 -9.76 -13.82
CA ALA B 157 9.67 -9.79 -13.59
C ALA B 157 8.95 -9.99 -14.91
N SER B 158 7.90 -10.77 -14.92
CA SER B 158 7.16 -10.95 -16.17
C SER B 158 6.18 -9.79 -16.41
N THR B 159 5.81 -9.09 -15.33
CA THR B 159 4.97 -7.89 -15.41
C THR B 159 5.76 -6.63 -15.05
N PHE B 160 5.58 -6.11 -13.83
CA PHE B 160 6.30 -4.90 -13.38
C PHE B 160 6.45 -5.04 -11.88
N ILE B 161 7.19 -4.13 -11.25
CA ILE B 161 7.50 -4.25 -9.84
C ILE B 161 6.94 -3.01 -9.20
N ALA B 162 5.79 -3.19 -8.54
CA ALA B 162 5.09 -2.14 -7.79
C ALA B 162 4.50 -1.00 -8.65
N VAL B 163 3.78 -0.11 -7.95
CA VAL B 163 3.10 1.03 -8.54
C VAL B 163 3.30 2.18 -7.55
N VAL B 164 4.01 3.23 -7.95
CA VAL B 164 4.28 4.37 -7.06
C VAL B 164 3.59 5.68 -7.46
N GLN B 165 2.87 6.28 -6.51
CA GLN B 165 2.31 7.62 -6.64
C GLN B 165 3.13 8.58 -5.72
N ALA B 166 3.58 9.72 -6.25
CA ALA B 166 4.42 10.57 -5.43
C ALA B 166 4.18 12.03 -5.71
N ILE B 167 4.49 12.86 -4.73
CA ILE B 167 4.40 14.30 -4.87
C ILE B 167 5.62 14.85 -4.17
N VAL B 168 6.37 15.67 -4.89
CA VAL B 168 7.58 16.24 -4.36
C VAL B 168 7.42 17.75 -4.44
N ARG B 169 7.90 18.46 -3.40
CA ARG B 169 7.98 19.89 -3.45
C ARG B 169 9.20 20.31 -4.23
N THR B 170 9.01 21.26 -5.12
CA THR B 170 10.14 21.92 -5.74
C THR B 170 9.96 23.40 -5.43
N ALA B 171 10.91 24.23 -5.85
CA ALA B 171 10.72 25.67 -5.73
C ALA B 171 9.61 26.15 -6.67
N GLY B 172 9.37 25.36 -7.73
CA GLY B 172 8.26 25.60 -8.69
C GLY B 172 6.86 25.29 -8.17
N GLY B 173 6.78 24.50 -7.10
CA GLY B 173 5.51 24.13 -6.50
C GLY B 173 5.52 22.67 -6.13
N TRP B 174 4.39 22.02 -6.29
CA TRP B 174 4.29 20.60 -6.01
C TRP B 174 4.39 19.83 -7.31
N ALA B 175 5.46 19.07 -7.46
CA ALA B 175 5.61 18.22 -8.63
C ALA B 175 5.06 16.84 -8.31
N ALA B 176 4.18 16.35 -9.18
CA ALA B 176 3.42 15.14 -8.91
C ALA B 176 3.59 14.08 -10.00
N ALA B 177 3.54 12.80 -9.62
CA ALA B 177 3.58 11.72 -10.63
C ALA B 177 2.76 10.55 -10.20
N SER B 178 2.20 9.88 -11.20
CA SER B 178 1.47 8.61 -10.98
C SER B 178 2.11 7.62 -11.92
N ASP B 179 2.05 6.35 -11.53
CA ASP B 179 2.78 5.29 -12.20
C ASP B 179 2.09 4.84 -13.50
N SER B 180 2.84 4.90 -14.62
CA SER B 180 2.37 4.51 -15.94
C SER B 180 2.17 3.02 -16.00
N ARG B 181 2.89 2.32 -15.13
CA ARG B 181 2.74 0.88 -15.00
C ARG B 181 1.27 0.51 -14.74
N LYS B 182 0.57 1.37 -14.00
CA LYS B 182 -0.86 1.13 -13.69
C LYS B 182 -1.79 2.08 -14.45
N GLY B 183 -1.20 3.12 -15.05
CA GLY B 183 -1.95 4.09 -15.84
C GLY B 183 -2.66 5.28 -15.22
N GLY B 184 -2.32 5.65 -13.98
CA GLY B 184 -2.95 6.84 -13.37
C GLY B 184 -2.35 8.13 -13.89
N GLU B 185 -2.99 9.26 -13.59
CA GLU B 185 -2.37 10.59 -13.78
C GLU B 185 -2.66 11.46 -12.57
N PRO B 186 -1.75 12.39 -12.21
CA PRO B 186 -2.11 13.35 -11.14
C PRO B 186 -3.14 14.39 -11.62
N ALA B 187 -3.65 15.19 -10.68
CA ALA B 187 -4.33 16.42 -10.97
C ALA B 187 -4.04 17.37 -9.81
N GLY B 188 -4.41 18.63 -9.96
CA GLY B 188 -4.03 19.67 -8.99
C GLY B 188 -4.40 21.01 -9.63
N TYR B 189 -3.97 22.09 -9.00
CA TYR B 189 -4.14 23.43 -9.50
C TYR B 189 -3.18 24.28 -8.69
C1 NAG C . -4.77 20.49 12.14
C2 NAG C . -5.84 20.03 11.13
C3 NAG C . -7.31 20.11 11.59
C4 NAG C . -7.56 20.52 13.05
C5 NAG C . -6.38 21.32 13.60
C6 NAG C . -6.51 21.66 15.06
C7 NAG C . -5.82 20.37 8.73
C8 NAG C . -5.56 21.34 7.62
N2 NAG C . -5.63 20.84 9.95
O3 NAG C . -7.90 18.85 11.39
O4 NAG C . -8.75 21.27 13.15
O5 NAG C . -5.23 20.52 13.46
O6 NAG C . -5.38 22.44 15.35
O7 NAG C . -6.20 19.23 8.52
C1 NAG D . -6.33 -27.06 8.92
C2 NAG D . -7.79 -26.66 9.03
C3 NAG D . -8.17 -26.25 10.46
C4 NAG D . -7.50 -27.14 11.54
C5 NAG D . -6.00 -27.31 11.23
C6 NAG D . -5.18 -28.09 12.24
C7 NAG D . -8.44 -25.63 6.87
C8 NAG D . -8.66 -24.29 6.21
N2 NAG D . -8.05 -25.54 8.14
O3 NAG D . -9.57 -26.23 10.58
O4 NAG D . -7.69 -26.57 12.82
O5 NAG D . -5.86 -27.91 9.95
O6 NAG D . -5.47 -29.46 12.11
O7 NAG D . -8.63 -26.68 6.26
C1 NAG E . 18.71 -4.93 19.77
C2 NAG E . 18.32 -6.39 19.92
C3 NAG E . 19.36 -7.17 20.71
C4 NAG E . 20.68 -7.12 19.97
C5 NAG E . 21.10 -5.69 19.59
C6 NAG E . 21.60 -5.66 18.16
C7 NAG E . 16.00 -7.08 19.92
C8 NAG E . 14.72 -7.15 20.70
N2 NAG E . 17.02 -6.50 20.55
O3 NAG E . 18.97 -8.51 20.82
O4 NAG E . 21.71 -7.70 20.74
O5 NAG E . 20.12 -4.67 19.80
O6 NAG E . 22.72 -4.83 18.10
O7 NAG E . 16.06 -7.56 18.77
C1 NAG F . 10.08 9.90 16.39
C2 NAG F . 8.88 10.59 17.04
C3 NAG F . 8.81 10.39 18.56
C4 NAG F . 8.97 8.94 18.99
C5 NAG F . 9.47 7.99 17.88
C6 NAG F . 8.29 7.25 17.23
C7 NAG F . 7.90 12.55 16.05
C8 NAG F . 8.05 14.00 15.75
N2 NAG F . 8.90 11.99 16.71
O3 NAG F . 7.56 10.82 19.01
O4 NAG F . 9.86 8.85 20.07
O5 NAG F . 10.35 8.60 16.91
O6 NAG F . 7.94 6.12 18.01
O7 NAG F . 6.90 11.90 15.68
N1 EPE G . 0.44 -10.83 -9.03
C2 EPE G . -0.02 -9.62 -8.30
C3 EPE G . 1.15 -8.69 -7.96
N4 EPE G . 1.97 -8.40 -9.15
C5 EPE G . 2.35 -9.60 -9.95
C6 EPE G . 1.15 -10.47 -10.28
C9 EPE G . -0.63 -11.83 -9.30
C10 EPE G . -1.89 -11.47 -8.69
S EPE G . -2.44 -12.06 -7.36
O1S EPE G . -2.57 -10.92 -6.35
O2S EPE G . -3.82 -12.67 -7.59
O3S EPE G . -1.49 -13.15 -6.84
CL CL H . -21.43 -3.54 -7.83
C1 NAG I . 20.61 -17.27 -2.20
C2 NAG I . 21.41 -18.59 -2.19
C3 NAG I . 22.88 -18.21 -2.02
C4 NAG I . 23.29 -17.22 -3.13
C5 NAG I . 22.37 -15.99 -3.15
C6 NAG I . 22.63 -15.06 -4.33
C7 NAG I . 20.88 -19.26 0.16
C8 NAG I . 20.27 -20.39 0.95
N2 NAG I . 20.91 -19.50 -1.17
O3 NAG I . 23.67 -19.38 -2.07
O4 NAG I . 24.64 -16.81 -2.95
O5 NAG I . 21.02 -16.38 -3.22
O6 NAG I . 22.04 -15.62 -5.49
O7 NAG I . 21.29 -18.24 0.76
CAO XSM J . 1.23 -9.59 -1.19
NAP XSM J . 1.18 -10.87 -1.63
CAQ XSM J . 0.78 -11.64 -0.63
NAR XSM J . 0.58 -10.87 0.45
CAN XSM J . 0.85 -9.62 0.08
CAM XSM J . 0.76 -8.38 0.99
NAF XSM J . -0.63 -7.99 1.32
CAD XSM J . -0.80 -6.54 1.54
CAB XSM J . 0.05 -6.05 2.76
OAA XSM J . 1.22 -6.49 2.89
OAC XSM J . -0.47 -5.20 3.51
CAG XSM J . -0.35 -5.77 0.27
CAH XSM J . -1.01 -6.29 -1.03
BAI XSM J . -1.19 -5.34 -2.15
OAL XSM J . 0.03 -4.87 -2.62
OAK XSM J . -1.98 -5.84 -3.16
#